data_6A4V
#
_entry.id   6A4V
#
_cell.length_a   134.179
_cell.length_b   134.179
_cell.length_c   157.158
_cell.angle_alpha   90.00
_cell.angle_beta   90.00
_cell.angle_gamma   120.00
#
_symmetry.space_group_name_H-M   'P 32 2 1'
#
loop_
_entity.id
_entity.type
_entity.pdbx_description
1 polymer '49 protein'
2 water water
#
_entity_poly.entity_id   1
_entity_poly.type   'polypeptide(L)'
_entity_poly.pdbx_seq_one_letter_code
;MGSSHHHHHHSSGLVPRGSHMASMTGGQQMGRGSMGDEFYYPSLESVVHTFCVIDTREHNRVSACLCKLQVLCKICQTLR
HNLDTEPFLLPHLRELIIRHLTLLERLSTTSKFQRILDYMKLSLEANDSNLLQDLAIGTVNLLGCQSPEILSIPYDKDQP
VHEWCACFLTSVDEEALRKISSMLDNKHFSYMYNFKTFLKYSLELETAADFDLSTGLNVLVYWVSVFKLFSVCVQSQFLL
DSLVAFNALFKNHVKELEAIVESDTNLLCYSTSVVWAKLSNLNHLLHRLQTSNNTLVFDEILICLRGLQIYIKCLPTLSA
EGESESEAIAAEIPSLE
;
_entity_poly.pdbx_strand_id   A,B
#
# COMPACT_ATOMS: atom_id res chain seq x y z
N ASP A 37 0.67 -14.11 -4.70
CA ASP A 37 -0.51 -14.05 -5.65
C ASP A 37 -1.65 -13.22 -5.05
N GLU A 38 -1.40 -11.92 -4.85
CA GLU A 38 -2.39 -10.96 -4.37
C GLU A 38 -3.53 -10.91 -5.41
N PHE A 39 -4.68 -10.38 -5.01
CA PHE A 39 -5.90 -10.31 -5.75
C PHE A 39 -6.24 -8.84 -5.88
N TYR A 40 -7.03 -8.48 -6.89
CA TYR A 40 -7.49 -7.12 -7.14
C TYR A 40 -8.75 -7.00 -6.26
N TYR A 41 -9.66 -7.98 -6.42
CA TYR A 41 -10.62 -8.36 -5.34
C TYR A 41 -10.73 -9.87 -5.23
N PRO A 42 -10.90 -10.43 -4.00
CA PRO A 42 -11.05 -11.88 -3.76
C PRO A 42 -12.53 -12.16 -4.00
N SER A 43 -12.91 -13.40 -4.30
CA SER A 43 -14.37 -13.75 -4.45
C SER A 43 -15.01 -13.84 -3.05
N LEU A 44 -16.34 -13.59 -2.96
CA LEU A 44 -17.12 -13.96 -1.68
C LEU A 44 -16.99 -15.41 -1.28
N GLU A 45 -17.09 -16.31 -2.25
CA GLU A 45 -16.96 -17.71 -2.03
C GLU A 45 -15.66 -18.01 -1.25
N SER A 46 -14.54 -17.40 -1.68
CA SER A 46 -13.20 -17.65 -1.06
C SER A 46 -13.23 -17.25 0.41
N VAL A 47 -13.90 -16.12 0.66
CA VAL A 47 -13.98 -15.56 1.98
C VAL A 47 -14.89 -16.41 2.93
N VAL A 48 -16.08 -16.78 2.46
CA VAL A 48 -16.96 -17.70 3.19
C VAL A 48 -16.19 -18.98 3.57
N HIS A 49 -15.41 -19.53 2.64
CA HIS A 49 -14.60 -20.71 2.89
C HIS A 49 -13.55 -20.39 3.95
N THR A 50 -13.02 -19.16 3.96
CA THR A 50 -11.98 -18.84 4.90
C THR A 50 -12.63 -18.71 6.28
N PHE A 51 -13.76 -18.04 6.32
CA PHE A 51 -14.48 -17.96 7.55
C PHE A 51 -14.80 -19.37 8.07
N CYS A 52 -15.17 -20.31 7.20
CA CYS A 52 -15.54 -21.61 7.76
C CYS A 52 -14.31 -22.21 8.43
N VAL A 53 -13.19 -22.09 7.73
CA VAL A 53 -11.98 -22.64 8.22
C VAL A 53 -11.76 -22.07 9.61
N ILE A 54 -12.00 -20.75 9.79
CA ILE A 54 -11.81 -20.11 11.09
C ILE A 54 -12.82 -20.69 12.08
N ASP A 55 -14.12 -20.68 11.74
CA ASP A 55 -15.12 -21.29 12.62
C ASP A 55 -14.63 -22.70 13.06
N THR A 56 -14.18 -23.56 12.15
CA THR A 56 -13.75 -24.91 12.52
C THR A 56 -12.51 -25.00 13.44
N ARG A 57 -11.86 -23.89 13.82
CA ARG A 57 -10.50 -24.02 14.36
C ARG A 57 -10.23 -23.11 15.56
N GLU A 58 -11.00 -22.03 15.71
CA GLU A 58 -11.01 -21.25 16.91
C GLU A 58 -12.18 -21.75 17.76
N HIS A 59 -11.94 -21.95 19.05
CA HIS A 59 -12.96 -22.50 19.93
C HIS A 59 -13.88 -21.37 20.37
N ASN A 60 -13.28 -20.39 21.03
CA ASN A 60 -13.87 -19.15 21.43
C ASN A 60 -14.53 -18.45 20.23
N ARG A 61 -15.85 -18.39 20.23
CA ARG A 61 -16.64 -17.67 19.22
C ARG A 61 -16.27 -16.18 19.14
N VAL A 62 -15.72 -15.57 20.22
CA VAL A 62 -15.36 -14.13 20.24
C VAL A 62 -14.06 -13.96 19.46
N SER A 63 -13.10 -14.87 19.68
CA SER A 63 -11.85 -14.99 18.86
C SER A 63 -12.22 -15.07 17.37
N ALA A 64 -12.80 -16.20 16.97
CA ALA A 64 -13.34 -16.39 15.62
C ALA A 64 -13.91 -15.10 14.99
N CYS A 65 -14.83 -14.44 15.68
CA CYS A 65 -15.38 -13.20 15.09
C CYS A 65 -14.24 -12.20 14.87
N LEU A 66 -13.26 -12.20 15.77
CA LEU A 66 -12.22 -11.20 15.70
C LEU A 66 -11.25 -11.55 14.56
N CYS A 67 -10.94 -12.85 14.34
CA CYS A 67 -10.15 -13.23 13.21
C CYS A 67 -10.82 -12.74 11.91
N LYS A 68 -12.09 -13.04 11.75
CA LYS A 68 -12.81 -12.70 10.56
C LYS A 68 -12.77 -11.18 10.35
N LEU A 69 -12.68 -10.45 11.47
CA LEU A 69 -12.76 -9.03 11.42
C LEU A 69 -11.42 -8.45 10.92
N GLN A 70 -10.31 -9.05 11.33
CA GLN A 70 -9.00 -8.77 10.76
C GLN A 70 -9.00 -9.08 9.27
N VAL A 71 -9.40 -10.31 8.91
CA VAL A 71 -9.39 -10.70 7.56
C VAL A 71 -10.16 -9.67 6.74
N LEU A 72 -11.30 -9.23 7.25
CA LEU A 72 -12.11 -8.29 6.45
C LEU A 72 -11.52 -6.86 6.41
N CYS A 73 -10.76 -6.48 7.44
CA CYS A 73 -10.17 -5.15 7.55
C CYS A 73 -9.13 -5.06 6.44
N LYS A 74 -8.30 -6.13 6.34
CA LYS A 74 -7.24 -6.21 5.35
C LYS A 74 -7.84 -6.03 3.96
N ILE A 75 -8.91 -6.79 3.68
CA ILE A 75 -9.41 -6.86 2.41
C ILE A 75 -10.01 -5.53 2.02
N CYS A 76 -10.74 -4.89 2.93
CA CYS A 76 -11.38 -3.68 2.51
C CYS A 76 -10.33 -2.57 2.33
N GLN A 77 -9.20 -2.69 3.06
CA GLN A 77 -8.13 -1.72 2.97
C GLN A 77 -7.43 -1.86 1.61
N THR A 78 -6.94 -3.06 1.33
CA THR A 78 -6.43 -3.38 -0.07
C THR A 78 -7.44 -2.89 -1.13
N LEU A 79 -8.72 -3.10 -0.88
CA LEU A 79 -9.65 -2.88 -2.01
C LEU A 79 -9.81 -1.37 -2.20
N ARG A 80 -9.77 -0.61 -1.09
CA ARG A 80 -9.77 0.83 -1.11
C ARG A 80 -8.56 1.37 -1.90
N HIS A 81 -7.33 1.00 -1.52
CA HIS A 81 -6.09 1.14 -2.37
C HIS A 81 -6.46 0.83 -3.83
N ASN A 82 -6.89 -0.41 -4.12
CA ASN A 82 -7.03 -0.72 -5.50
C ASN A 82 -8.03 0.24 -6.13
N LEU A 83 -9.02 0.74 -5.41
CA LEU A 83 -10.06 1.54 -6.12
C LEU A 83 -9.58 2.97 -6.39
N ASP A 84 -8.72 3.45 -5.50
CA ASP A 84 -8.17 4.75 -5.54
C ASP A 84 -7.16 4.82 -6.69
N THR A 85 -6.49 3.69 -6.98
CA THR A 85 -5.59 3.58 -8.09
C THR A 85 -6.32 3.31 -9.41
N GLU A 86 -7.58 2.91 -9.34
CA GLU A 86 -8.21 2.28 -10.49
C GLU A 86 -8.18 3.24 -11.67
N PRO A 87 -8.50 4.54 -11.55
CA PRO A 87 -8.66 5.38 -12.73
C PRO A 87 -7.44 5.49 -13.64
N PHE A 88 -6.28 5.01 -13.16
CA PHE A 88 -4.99 4.93 -13.82
C PHE A 88 -4.62 3.57 -14.42
N LEU A 89 -5.41 2.52 -14.15
CA LEU A 89 -4.99 1.19 -14.46
C LEU A 89 -4.95 0.96 -15.97
N LEU A 90 -5.98 1.42 -16.72
CA LEU A 90 -6.09 1.10 -18.18
C LEU A 90 -5.15 2.00 -18.98
N PRO A 91 -5.04 3.32 -18.68
CA PRO A 91 -3.94 4.13 -19.20
C PRO A 91 -2.62 3.41 -18.94
N HIS A 92 -2.39 2.96 -17.71
CA HIS A 92 -1.04 2.32 -17.50
C HIS A 92 -0.81 1.12 -18.40
N LEU A 93 -1.89 0.41 -18.73
CA LEU A 93 -1.72 -0.91 -19.36
C LEU A 93 -1.52 -0.74 -20.87
N ARG A 94 -2.26 0.23 -21.43
CA ARG A 94 -2.06 0.85 -22.72
C ARG A 94 -0.57 1.13 -22.91
N GLU A 95 -0.02 2.05 -22.10
CA GLU A 95 1.46 2.38 -22.15
C GLU A 95 2.34 1.14 -21.98
N LEU A 96 1.95 0.16 -21.18
CA LEU A 96 2.81 -1.04 -21.04
C LEU A 96 2.83 -1.84 -22.34
N ILE A 97 1.69 -2.07 -22.97
CA ILE A 97 1.68 -2.83 -24.22
C ILE A 97 2.50 -2.01 -25.24
N ILE A 98 2.43 -0.68 -25.14
CA ILE A 98 3.16 0.10 -26.14
C ILE A 98 4.65 -0.18 -25.99
N ARG A 99 5.14 -0.17 -24.74
CA ARG A 99 6.55 -0.45 -24.53
C ARG A 99 6.87 -1.82 -25.09
N HIS A 100 6.02 -2.80 -24.81
CA HIS A 100 6.38 -4.08 -25.18
C HIS A 100 6.46 -4.16 -26.70
N LEU A 101 5.54 -3.44 -27.37
CA LEU A 101 5.52 -3.39 -28.78
C LEU A 101 6.80 -2.72 -29.25
N THR A 102 7.14 -1.60 -28.58
CA THR A 102 8.32 -0.86 -28.82
C THR A 102 9.53 -1.78 -28.68
N LEU A 103 9.54 -2.74 -27.76
CA LEU A 103 10.67 -3.68 -27.71
C LEU A 103 10.57 -4.68 -28.86
N LEU A 104 9.35 -4.94 -29.33
CA LEU A 104 9.20 -5.98 -30.37
C LEU A 104 9.81 -5.48 -31.69
N GLU A 105 9.80 -4.14 -31.87
CA GLU A 105 10.33 -3.42 -33.05
C GLU A 105 11.74 -3.91 -33.41
N ARG A 106 12.58 -4.15 -32.39
CA ARG A 106 13.97 -4.58 -32.55
C ARG A 106 14.11 -5.92 -33.27
N LEU A 107 13.06 -6.75 -33.22
CA LEU A 107 13.03 -8.10 -33.79
C LEU A 107 12.32 -8.11 -35.14
N SER A 108 11.94 -6.93 -35.66
CA SER A 108 11.23 -6.83 -36.93
C SER A 108 12.19 -7.20 -38.07
N THR A 109 11.65 -7.76 -39.15
CA THR A 109 12.46 -8.20 -40.31
C THR A 109 11.79 -7.75 -41.60
N THR A 110 10.45 -7.66 -41.57
CA THR A 110 9.55 -7.22 -42.64
C THR A 110 9.06 -5.78 -42.44
N SER A 111 8.51 -5.17 -43.49
CA SER A 111 7.92 -3.86 -43.37
C SER A 111 6.43 -3.98 -43.03
N LYS A 112 5.77 -5.09 -43.43
CA LYS A 112 4.42 -5.42 -42.96
C LYS A 112 4.41 -5.55 -41.43
N PHE A 113 5.28 -6.40 -40.90
CA PHE A 113 5.39 -6.58 -39.47
C PHE A 113 5.38 -5.23 -38.75
N GLN A 114 6.40 -4.43 -39.03
CA GLN A 114 6.60 -3.13 -38.38
C GLN A 114 5.36 -2.25 -38.57
N ARG A 115 4.58 -2.47 -39.63
CA ARG A 115 3.42 -1.62 -39.89
C ARG A 115 2.24 -2.08 -39.02
N ILE A 116 2.22 -3.38 -38.71
CA ILE A 116 1.26 -3.85 -37.83
C ILE A 116 1.57 -3.22 -36.45
N LEU A 117 2.87 -3.20 -36.08
CA LEU A 117 3.26 -2.72 -34.77
C LEU A 117 2.90 -1.26 -34.66
N ASP A 118 3.03 -0.54 -35.77
CA ASP A 118 2.83 0.88 -35.70
C ASP A 118 1.36 1.16 -35.49
N TYR A 119 0.51 0.33 -36.11
CA TYR A 119 -0.98 0.43 -36.06
C TYR A 119 -1.46 0.16 -34.62
N MET A 120 -0.93 -0.90 -34.08
CA MET A 120 -1.20 -1.32 -32.74
C MET A 120 -0.75 -0.19 -31.79
N LYS A 121 0.49 0.29 -31.97
CA LYS A 121 1.09 1.21 -31.00
C LYS A 121 0.19 2.46 -30.98
N LEU A 122 -0.10 2.91 -32.19
CA LEU A 122 -0.77 4.18 -32.30
C LEU A 122 -2.20 4.11 -31.81
N SER A 123 -2.84 2.99 -32.12
CA SER A 123 -4.16 2.70 -31.66
C SER A 123 -4.22 2.79 -30.12
N LEU A 124 -3.24 2.21 -29.46
CA LEU A 124 -3.13 2.14 -27.99
C LEU A 124 -3.03 3.54 -27.42
N GLU A 125 -2.75 4.52 -28.27
CA GLU A 125 -2.70 5.92 -27.83
C GLU A 125 -4.01 6.64 -27.94
N ALA A 126 -5.04 6.06 -28.53
CA ALA A 126 -6.26 6.85 -28.74
C ALA A 126 -7.45 6.05 -28.28
N ASN A 127 -8.66 6.53 -28.57
CA ASN A 127 -9.91 5.94 -28.02
C ASN A 127 -10.79 5.39 -29.16
N ASP A 128 -10.22 4.58 -30.05
CA ASP A 128 -11.04 3.99 -31.10
C ASP A 128 -11.91 2.94 -30.40
N SER A 129 -13.22 2.96 -30.73
CA SER A 129 -14.10 2.12 -30.01
C SER A 129 -13.65 0.66 -30.14
N ASN A 130 -12.90 0.31 -31.20
CA ASN A 130 -12.55 -1.09 -31.53
C ASN A 130 -11.11 -1.43 -31.10
N LEU A 131 -10.46 -0.53 -30.34
CA LEU A 131 -9.12 -0.79 -29.81
C LEU A 131 -8.90 -2.28 -29.50
N LEU A 132 -9.80 -2.87 -28.71
CA LEU A 132 -9.57 -4.22 -28.13
C LEU A 132 -9.65 -5.28 -29.23
N GLN A 133 -10.61 -5.15 -30.13
CA GLN A 133 -10.71 -6.06 -31.30
C GLN A 133 -9.46 -5.98 -32.17
N ASP A 134 -9.05 -4.74 -32.49
CA ASP A 134 -7.87 -4.51 -33.30
C ASP A 134 -6.63 -5.00 -32.56
N LEU A 135 -6.58 -4.92 -31.22
CA LEU A 135 -5.37 -5.42 -30.57
C LEU A 135 -5.22 -6.91 -30.83
N ALA A 136 -6.33 -7.64 -30.99
CA ALA A 136 -6.29 -9.13 -31.11
C ALA A 136 -6.05 -9.56 -32.57
N ILE A 137 -6.81 -8.97 -33.51
CA ILE A 137 -6.49 -9.15 -34.94
C ILE A 137 -5.02 -8.80 -35.20
N GLY A 138 -4.67 -7.59 -34.77
CA GLY A 138 -3.28 -7.13 -34.74
C GLY A 138 -2.32 -8.21 -34.29
N THR A 139 -2.60 -8.80 -33.11
CA THR A 139 -1.65 -9.76 -32.53
C THR A 139 -1.60 -11.01 -33.39
N VAL A 140 -2.74 -11.43 -33.91
CA VAL A 140 -2.73 -12.62 -34.72
C VAL A 140 -2.04 -12.34 -36.07
N ASN A 141 -2.13 -11.11 -36.59
CA ASN A 141 -1.47 -10.74 -37.88
C ASN A 141 0.05 -10.78 -37.71
N LEU A 142 0.56 -10.37 -36.55
CA LEU A 142 1.98 -10.48 -36.30
C LEU A 142 2.34 -11.97 -36.34
N LEU A 143 1.47 -12.78 -35.76
CA LEU A 143 1.76 -14.17 -35.54
C LEU A 143 1.74 -14.86 -36.90
N GLY A 144 0.78 -14.45 -37.75
CA GLY A 144 0.68 -14.77 -39.20
C GLY A 144 1.97 -14.62 -39.98
N CYS A 145 2.64 -13.45 -39.87
CA CYS A 145 3.93 -13.18 -40.52
C CYS A 145 4.87 -14.37 -40.33
N GLN A 146 5.22 -14.69 -39.09
CA GLN A 146 6.21 -15.75 -38.78
C GLN A 146 5.65 -17.16 -39.06
N SER A 147 4.31 -17.35 -39.05
CA SER A 147 3.62 -18.65 -39.31
C SER A 147 2.33 -18.42 -40.09
N PRO A 148 2.35 -18.41 -41.45
CA PRO A 148 1.19 -18.03 -42.25
C PRO A 148 -0.11 -18.86 -42.14
N GLU A 149 0.00 -20.14 -41.73
CA GLU A 149 -1.13 -21.11 -41.71
C GLU A 149 -2.24 -20.67 -40.73
N ILE A 150 -1.82 -20.05 -39.62
CA ILE A 150 -2.65 -19.58 -38.48
C ILE A 150 -3.75 -18.58 -38.93
N LEU A 151 -3.55 -17.88 -40.05
CA LEU A 151 -4.35 -16.66 -40.37
C LEU A 151 -5.81 -17.01 -40.71
N SER A 152 -6.10 -18.25 -41.16
CA SER A 152 -7.47 -18.64 -41.57
C SER A 152 -8.23 -19.40 -40.47
N ILE A 153 -7.90 -19.16 -39.18
CA ILE A 153 -8.83 -19.41 -38.04
C ILE A 153 -9.73 -18.19 -37.90
N PRO A 154 -11.08 -18.35 -37.85
CA PRO A 154 -12.00 -17.23 -37.95
C PRO A 154 -12.11 -16.44 -36.63
N TYR A 155 -12.01 -15.12 -36.72
CA TYR A 155 -11.98 -14.24 -35.54
C TYR A 155 -13.37 -14.18 -34.89
N ASP A 156 -13.46 -14.65 -33.64
CA ASP A 156 -14.71 -14.65 -32.85
C ASP A 156 -14.73 -13.43 -31.92
N LYS A 157 -15.46 -12.39 -32.35
CA LYS A 157 -15.76 -11.19 -31.53
C LYS A 157 -15.87 -11.56 -30.05
N ASP A 158 -16.63 -12.64 -29.73
CA ASP A 158 -17.14 -12.89 -28.36
C ASP A 158 -16.53 -14.13 -27.69
N GLN A 159 -15.56 -14.78 -28.37
CA GLN A 159 -14.69 -15.84 -27.81
C GLN A 159 -14.07 -15.41 -26.49
N PRO A 160 -14.13 -16.19 -25.38
CA PRO A 160 -13.63 -15.70 -24.11
C PRO A 160 -12.10 -15.57 -24.06
N VAL A 161 -11.64 -14.63 -23.22
CA VAL A 161 -10.25 -14.13 -23.29
C VAL A 161 -9.28 -15.27 -23.08
N HIS A 162 -9.57 -16.07 -22.05
CA HIS A 162 -8.67 -17.12 -21.67
C HIS A 162 -8.62 -18.14 -22.79
N GLU A 163 -9.71 -18.22 -23.58
CA GLU A 163 -9.70 -19.21 -24.67
C GLU A 163 -8.84 -18.70 -25.84
N TRP A 164 -8.83 -17.38 -26.06
CA TRP A 164 -7.99 -16.74 -27.09
C TRP A 164 -6.52 -16.85 -26.70
N CYS A 165 -6.25 -16.55 -25.44
CA CYS A 165 -4.94 -16.58 -24.97
C CYS A 165 -4.36 -17.98 -25.10
N ALA A 166 -5.19 -19.01 -24.85
CA ALA A 166 -4.68 -20.39 -24.83
C ALA A 166 -4.35 -20.82 -26.26
N CYS A 167 -5.25 -20.46 -27.17
CA CYS A 167 -5.14 -20.70 -28.57
C CYS A 167 -3.80 -20.20 -29.12
N PHE A 168 -3.50 -18.89 -28.96
CA PHE A 168 -2.40 -18.26 -29.68
C PHE A 168 -1.08 -18.26 -28.91
N LEU A 169 -1.06 -18.73 -27.68
CA LEU A 169 0.20 -18.93 -26.99
C LEU A 169 0.87 -20.14 -27.64
N THR A 170 2.20 -20.08 -27.82
CA THR A 170 2.96 -21.20 -28.46
C THR A 170 4.14 -21.59 -27.55
N SER A 171 4.33 -22.90 -27.35
CA SER A 171 5.53 -23.52 -26.72
C SER A 171 5.58 -23.19 -25.22
N VAL A 172 4.40 -23.25 -24.59
CA VAL A 172 4.21 -23.01 -23.14
C VAL A 172 3.81 -24.33 -22.49
N ASP A 173 4.58 -24.78 -21.48
CA ASP A 173 4.30 -26.05 -20.76
C ASP A 173 2.93 -25.94 -20.05
N GLU A 174 2.35 -27.09 -19.71
CA GLU A 174 0.94 -27.18 -19.35
C GLU A 174 0.69 -26.67 -17.92
N GLU A 175 1.76 -26.52 -17.13
CA GLU A 175 1.66 -25.93 -15.80
C GLU A 175 1.48 -24.41 -15.91
N ALA A 176 2.14 -23.80 -16.89
CA ALA A 176 2.03 -22.35 -17.13
C ALA A 176 0.61 -22.01 -17.62
N LEU A 177 0.09 -22.86 -18.51
CA LEU A 177 -1.23 -22.69 -19.11
C LEU A 177 -2.30 -22.69 -18.03
N ARG A 178 -2.13 -23.60 -17.05
CA ARG A 178 -3.03 -23.80 -15.91
C ARG A 178 -3.12 -22.50 -15.11
N LYS A 179 -1.95 -22.08 -14.62
CA LYS A 179 -1.79 -20.84 -13.88
C LYS A 179 -2.43 -19.71 -14.70
N ILE A 180 -2.07 -19.59 -15.95
CA ILE A 180 -2.59 -18.49 -16.77
C ILE A 180 -4.11 -18.57 -16.85
N SER A 181 -4.61 -19.79 -17.03
CA SER A 181 -6.06 -20.10 -17.10
C SER A 181 -6.74 -19.73 -15.78
N SER A 182 -6.08 -20.06 -14.66
CA SER A 182 -6.71 -19.75 -13.37
C SER A 182 -6.82 -18.23 -13.21
N MET A 183 -5.92 -17.47 -13.88
CA MET A 183 -5.91 -16.02 -13.81
C MET A 183 -6.90 -15.43 -14.84
N LEU A 184 -6.86 -15.95 -16.06
CA LEU A 184 -7.72 -15.44 -17.14
C LEU A 184 -9.18 -15.98 -17.10
N ASP A 185 -9.40 -17.18 -16.55
CA ASP A 185 -10.75 -17.73 -16.37
C ASP A 185 -11.15 -17.53 -14.91
N ASN A 186 -11.74 -16.36 -14.66
CA ASN A 186 -11.93 -15.97 -13.30
C ASN A 186 -13.42 -16.06 -12.96
N LYS A 187 -14.14 -17.02 -13.58
CA LYS A 187 -15.47 -17.43 -13.18
C LYS A 187 -16.45 -16.27 -13.25
N HIS A 188 -16.51 -15.74 -14.47
CA HIS A 188 -17.29 -14.62 -14.78
C HIS A 188 -17.02 -13.56 -13.73
N PHE A 189 -15.74 -13.34 -13.46
CA PHE A 189 -15.32 -12.17 -12.75
C PHE A 189 -15.67 -12.34 -11.29
N SER A 190 -15.74 -13.59 -10.81
CA SER A 190 -16.10 -13.73 -9.41
C SER A 190 -14.91 -13.25 -8.58
N TYR A 191 -13.71 -13.33 -9.18
CA TYR A 191 -12.49 -12.70 -8.69
C TYR A 191 -11.65 -12.10 -9.84
N MET A 192 -10.58 -11.41 -9.44
CA MET A 192 -9.67 -10.78 -10.36
C MET A 192 -8.34 -10.70 -9.65
N TYR A 193 -7.29 -11.29 -10.26
CA TYR A 193 -5.90 -11.16 -9.82
C TYR A 193 -5.39 -9.72 -10.05
N ASN A 194 -4.41 -9.25 -9.27
CA ASN A 194 -3.95 -7.81 -9.39
C ASN A 194 -2.81 -7.62 -10.41
N PHE A 195 -2.49 -6.35 -10.68
CA PHE A 195 -1.51 -6.02 -11.67
C PHE A 195 -0.17 -6.72 -11.36
N LYS A 196 0.31 -6.52 -10.15
CA LYS A 196 1.55 -7.07 -9.73
C LYS A 196 1.61 -8.58 -9.94
N THR A 197 0.47 -9.27 -9.80
CA THR A 197 0.46 -10.67 -9.93
C THR A 197 0.57 -11.01 -11.43
N PHE A 198 -0.17 -10.31 -12.24
CA PHE A 198 0.00 -10.55 -13.67
C PHE A 198 1.45 -10.25 -14.14
N LEU A 199 2.10 -9.21 -13.62
CA LEU A 199 3.52 -9.00 -13.93
C LEU A 199 4.38 -10.19 -13.57
N LYS A 200 4.17 -10.72 -12.37
CA LYS A 200 4.93 -11.83 -11.91
C LYS A 200 4.87 -12.97 -12.91
N TYR A 201 3.69 -13.32 -13.42
CA TYR A 201 3.59 -14.41 -14.37
C TYR A 201 4.16 -13.94 -15.72
N SER A 202 4.16 -12.64 -16.08
CA SER A 202 4.70 -12.35 -17.41
C SER A 202 6.20 -12.64 -17.38
N LEU A 203 6.84 -12.38 -16.23
CA LEU A 203 8.26 -12.61 -16.14
C LEU A 203 8.59 -14.10 -16.28
N GLU A 204 7.66 -14.98 -15.91
CA GLU A 204 7.91 -16.41 -15.98
C GLU A 204 7.64 -16.93 -17.40
N LEU A 205 7.01 -16.12 -18.24
CA LEU A 205 6.89 -16.44 -19.68
C LEU A 205 8.25 -16.24 -20.40
N GLU A 206 9.19 -15.52 -19.80
CA GLU A 206 10.49 -15.19 -20.40
C GLU A 206 11.59 -16.16 -19.94
N THR A 207 12.09 -16.97 -20.89
CA THR A 207 13.17 -18.02 -20.72
C THR A 207 13.83 -18.36 -22.08
N ALA A 208 14.90 -17.59 -22.42
CA ALA A 208 15.47 -17.37 -23.80
C ALA A 208 14.94 -18.40 -24.79
N PHE A 211 15.73 -13.51 -25.90
CA PHE A 211 14.76 -12.51 -26.37
C PHE A 211 14.49 -12.75 -27.86
N ASP A 212 13.86 -13.91 -28.13
CA ASP A 212 13.44 -14.32 -29.45
C ASP A 212 11.96 -13.93 -29.64
N LEU A 213 11.55 -13.95 -30.90
CA LEU A 213 10.32 -13.40 -31.36
C LEU A 213 9.13 -14.14 -30.75
N SER A 214 9.23 -15.46 -30.58
CA SER A 214 8.08 -16.28 -30.23
C SER A 214 7.61 -15.92 -28.81
N THR A 215 8.53 -15.99 -27.84
CA THR A 215 8.26 -15.53 -26.49
C THR A 215 7.84 -14.07 -26.51
N GLY A 216 8.38 -13.29 -27.43
CA GLY A 216 7.96 -11.88 -27.60
C GLY A 216 6.45 -11.78 -27.82
N LEU A 217 5.96 -12.60 -28.73
CA LEU A 217 4.57 -12.60 -29.14
C LEU A 217 3.71 -13.33 -28.10
N ASN A 218 4.35 -14.17 -27.29
CA ASN A 218 3.68 -14.82 -26.19
C ASN A 218 3.24 -13.74 -25.19
N VAL A 219 4.23 -12.94 -24.76
CA VAL A 219 4.06 -11.82 -23.86
C VAL A 219 3.01 -10.88 -24.42
N LEU A 220 2.99 -10.71 -25.74
CA LEU A 220 2.01 -9.74 -26.27
C LEU A 220 0.62 -10.29 -26.10
N VAL A 221 0.50 -11.58 -26.44
CA VAL A 221 -0.79 -12.30 -26.24
C VAL A 221 -1.25 -12.17 -24.77
N TYR A 222 -0.36 -12.47 -23.84
CA TYR A 222 -0.67 -12.40 -22.44
C TYR A 222 -1.21 -11.00 -22.05
N TRP A 223 -0.51 -9.95 -22.46
CA TRP A 223 -0.79 -8.62 -21.99
C TRP A 223 -2.02 -8.03 -22.69
N VAL A 224 -2.36 -8.54 -23.85
CA VAL A 224 -3.51 -8.10 -24.54
C VAL A 224 -4.72 -8.78 -23.86
N SER A 225 -4.58 -10.09 -23.61
CA SER A 225 -5.51 -10.77 -22.78
C SER A 225 -5.77 -9.97 -21.50
N VAL A 226 -4.70 -9.73 -20.75
CA VAL A 226 -4.84 -9.11 -19.41
C VAL A 226 -5.55 -7.77 -19.53
N PHE A 227 -5.23 -7.04 -20.59
CA PHE A 227 -5.84 -5.74 -20.90
C PHE A 227 -7.33 -5.92 -21.20
N LYS A 228 -7.65 -6.94 -22.01
CA LYS A 228 -9.11 -7.24 -22.30
C LYS A 228 -9.90 -7.43 -20.99
N LEU A 229 -9.30 -8.21 -20.10
CA LEU A 229 -9.91 -8.67 -18.90
C LEU A 229 -10.07 -7.50 -17.95
N PHE A 230 -9.00 -6.72 -17.76
CA PHE A 230 -9.13 -5.54 -16.90
C PHE A 230 -10.09 -4.55 -17.53
N SER A 231 -10.25 -4.55 -18.85
CA SER A 231 -11.07 -3.47 -19.49
C SER A 231 -12.53 -3.72 -19.13
N VAL A 232 -12.91 -4.99 -19.19
CA VAL A 232 -14.24 -5.45 -18.79
C VAL A 232 -14.40 -5.14 -17.30
N CYS A 233 -13.42 -5.59 -16.51
CA CYS A 233 -13.53 -5.52 -15.04
C CYS A 233 -13.68 -4.07 -14.54
N VAL A 234 -13.19 -3.10 -15.33
CA VAL A 234 -13.13 -1.69 -14.96
C VAL A 234 -14.37 -0.98 -15.50
N GLN A 235 -14.82 -1.35 -16.72
CA GLN A 235 -16.09 -0.76 -17.27
C GLN A 235 -17.31 -1.20 -16.44
N SER A 236 -17.46 -2.52 -16.20
CA SER A 236 -18.46 -3.10 -15.28
C SER A 236 -18.25 -2.64 -13.83
N GLN A 237 -17.11 -2.09 -13.46
CA GLN A 237 -16.92 -1.60 -12.04
C GLN A 237 -17.05 -2.70 -10.98
N PHE A 238 -16.48 -3.89 -11.27
CA PHE A 238 -16.59 -4.99 -10.37
C PHE A 238 -15.90 -4.72 -9.05
N LEU A 239 -14.79 -3.98 -9.07
CA LEU A 239 -14.05 -3.67 -7.87
C LEU A 239 -14.91 -2.85 -6.91
N LEU A 240 -15.60 -1.82 -7.42
CA LEU A 240 -16.55 -1.05 -6.58
C LEU A 240 -17.58 -1.99 -5.92
N ASP A 241 -18.23 -2.84 -6.73
CA ASP A 241 -19.22 -3.79 -6.25
C ASP A 241 -18.61 -4.66 -5.16
N SER A 242 -17.50 -5.32 -5.45
CA SER A 242 -16.88 -6.14 -4.42
C SER A 242 -16.63 -5.36 -3.12
N LEU A 243 -16.32 -4.07 -3.24
CA LEU A 243 -15.83 -3.34 -2.08
C LEU A 243 -17.04 -3.03 -1.20
N VAL A 244 -18.14 -2.62 -1.83
CA VAL A 244 -19.38 -2.39 -1.14
C VAL A 244 -19.75 -3.65 -0.35
N ALA A 245 -19.67 -4.81 -0.99
CA ALA A 245 -20.13 -6.07 -0.39
C ALA A 245 -19.29 -6.39 0.81
N PHE A 246 -17.99 -6.22 0.65
CA PHE A 246 -17.13 -6.62 1.75
C PHE A 246 -17.15 -5.62 2.91
N ASN A 247 -17.52 -4.38 2.60
CA ASN A 247 -17.70 -3.33 3.64
C ASN A 247 -18.95 -3.75 4.46
N ALA A 248 -20.02 -4.14 3.75
CA ALA A 248 -21.28 -4.71 4.36
C ALA A 248 -20.90 -5.85 5.31
N LEU A 249 -20.12 -6.79 4.79
CA LEU A 249 -19.71 -7.95 5.51
C LEU A 249 -18.93 -7.52 6.74
N PHE A 250 -18.18 -6.43 6.62
CA PHE A 250 -17.28 -5.93 7.66
C PHE A 250 -18.14 -5.33 8.78
N LYS A 251 -19.11 -4.44 8.47
CA LYS A 251 -20.14 -3.95 9.44
C LYS A 251 -20.84 -5.14 10.14
N ASN A 252 -21.42 -6.04 9.32
CA ASN A 252 -22.25 -7.18 9.84
C ASN A 252 -21.41 -7.93 10.88
N HIS A 253 -20.09 -8.04 10.72
CA HIS A 253 -19.30 -8.71 11.79
C HIS A 253 -19.04 -7.82 13.00
N VAL A 254 -19.07 -6.49 12.87
CA VAL A 254 -18.84 -5.68 14.07
C VAL A 254 -20.06 -5.86 14.99
N LYS A 255 -21.22 -5.57 14.43
CA LYS A 255 -22.54 -6.02 15.01
C LYS A 255 -22.46 -7.44 15.55
N GLU A 256 -22.04 -8.40 14.73
CA GLU A 256 -22.08 -9.77 15.24
C GLU A 256 -21.21 -9.87 16.50
N LEU A 257 -20.06 -9.20 16.52
CA LEU A 257 -19.14 -9.20 17.67
C LEU A 257 -19.76 -8.57 18.93
N GLU A 258 -20.55 -7.48 18.79
CA GLU A 258 -21.23 -6.88 19.94
C GLU A 258 -22.16 -7.91 20.58
N ALA A 259 -23.06 -8.47 19.75
CA ALA A 259 -24.05 -9.41 20.14
C ALA A 259 -23.40 -10.65 20.77
N ILE A 260 -22.26 -11.08 20.24
CA ILE A 260 -21.56 -12.17 20.88
C ILE A 260 -21.05 -11.73 22.26
N VAL A 261 -20.41 -10.55 22.41
CA VAL A 261 -19.83 -10.16 23.72
C VAL A 261 -20.95 -9.94 24.74
N GLU A 262 -22.10 -9.41 24.26
CA GLU A 262 -23.35 -9.29 25.04
C GLU A 262 -23.93 -10.67 25.40
N SER A 263 -23.16 -11.75 25.24
CA SER A 263 -23.60 -13.07 25.69
C SER A 263 -22.56 -13.72 26.63
N ASP A 264 -21.54 -12.94 27.06
CA ASP A 264 -20.71 -13.27 28.24
C ASP A 264 -21.08 -12.38 29.42
N THR A 272 -18.41 -2.10 33.08
CA THR A 272 -17.92 -1.09 32.13
C THR A 272 -16.40 -0.94 32.33
N SER A 273 -15.63 -1.66 31.49
CA SER A 273 -14.20 -1.98 31.70
C SER A 273 -13.38 -1.60 30.44
N VAL A 274 -12.49 -2.47 29.98
CA VAL A 274 -11.65 -2.24 28.76
C VAL A 274 -12.48 -2.55 27.50
N VAL A 275 -12.97 -3.80 27.43
CA VAL A 275 -13.65 -4.30 26.27
C VAL A 275 -14.59 -3.23 25.71
N TRP A 276 -15.30 -2.51 26.59
CA TRP A 276 -16.41 -1.69 26.20
C TRP A 276 -15.92 -0.33 25.70
N ALA A 277 -14.72 0.08 26.15
CA ALA A 277 -14.03 1.24 25.55
C ALA A 277 -13.58 0.89 24.13
N LYS A 278 -12.92 -0.27 24.02
CA LYS A 278 -12.37 -0.77 22.78
C LYS A 278 -13.50 -1.00 21.78
N LEU A 279 -14.62 -1.57 22.24
CA LEU A 279 -15.76 -1.77 21.40
C LEU A 279 -16.38 -0.42 20.99
N SER A 280 -16.30 0.59 21.88
CA SER A 280 -16.79 1.87 21.45
C SER A 280 -15.84 2.42 20.38
N ASN A 281 -14.54 2.20 20.58
CA ASN A 281 -13.56 2.65 19.56
C ASN A 281 -13.91 2.02 18.20
N LEU A 282 -13.86 0.69 18.16
CA LEU A 282 -14.28 -0.05 16.95
C LEU A 282 -15.53 0.58 16.34
N ASN A 283 -16.53 0.87 17.19
CA ASN A 283 -17.81 1.36 16.71
C ASN A 283 -17.63 2.74 16.09
N HIS A 284 -16.93 3.62 16.80
CA HIS A 284 -16.63 4.95 16.30
C HIS A 284 -15.88 4.82 14.97
N LEU A 285 -14.88 3.92 14.94
CA LEU A 285 -14.05 3.71 13.77
C LEU A 285 -14.94 3.30 12.60
N LEU A 286 -15.74 2.22 12.83
CA LEU A 286 -16.62 1.72 11.84
C LEU A 286 -17.54 2.86 11.41
N HIS A 287 -17.92 3.68 12.39
CA HIS A 287 -18.85 4.75 12.11
C HIS A 287 -18.17 5.71 11.11
N ARG A 288 -16.94 6.14 11.41
CA ARG A 288 -16.28 7.21 10.61
C ARG A 288 -16.00 6.73 9.20
N LEU A 289 -15.94 5.41 9.07
CA LEU A 289 -15.59 4.73 7.87
C LEU A 289 -16.65 4.96 6.79
N GLN A 290 -17.84 5.46 7.15
CA GLN A 290 -18.92 5.72 6.17
C GLN A 290 -18.77 7.14 5.60
N THR A 291 -18.21 8.07 6.38
CA THR A 291 -17.72 9.41 5.92
C THR A 291 -16.51 9.25 4.99
N SER A 292 -15.54 8.50 5.54
CA SER A 292 -14.14 8.44 5.13
C SER A 292 -13.70 6.97 5.13
N ASN A 293 -13.88 6.31 3.97
CA ASN A 293 -13.28 5.02 3.71
C ASN A 293 -11.82 5.28 3.27
N ASN A 294 -10.88 5.36 4.24
CA ASN A 294 -9.45 5.66 3.95
C ASN A 294 -8.54 4.78 4.81
N THR A 295 -7.28 4.67 4.40
CA THR A 295 -6.41 3.60 4.88
C THR A 295 -6.04 3.84 6.33
N LEU A 296 -6.17 5.08 6.76
CA LEU A 296 -5.74 5.46 8.03
C LEU A 296 -6.69 4.88 9.06
N VAL A 297 -7.98 5.08 8.75
CA VAL A 297 -9.03 4.50 9.48
C VAL A 297 -8.83 2.99 9.54
N PHE A 298 -8.42 2.33 8.45
CA PHE A 298 -8.22 0.89 8.48
C PHE A 298 -7.04 0.55 9.39
N ASP A 299 -5.99 1.39 9.45
CA ASP A 299 -4.85 1.04 10.32
C ASP A 299 -5.29 1.10 11.79
N GLU A 300 -6.17 2.05 12.13
CA GLU A 300 -6.60 2.11 13.53
C GLU A 300 -7.46 0.86 13.82
N ILE A 301 -8.44 0.58 12.95
CA ILE A 301 -9.28 -0.61 13.10
C ILE A 301 -8.39 -1.83 13.25
N LEU A 302 -7.32 -1.95 12.47
CA LEU A 302 -6.51 -3.21 12.66
C LEU A 302 -6.00 -3.34 14.08
N ILE A 303 -5.46 -2.25 14.63
CA ILE A 303 -4.65 -2.34 15.86
C ILE A 303 -5.61 -2.47 17.03
N CYS A 304 -6.74 -1.73 16.97
CA CYS A 304 -7.94 -1.94 17.77
C CYS A 304 -8.38 -3.41 17.81
N LEU A 305 -8.45 -4.07 16.65
CA LEU A 305 -8.81 -5.51 16.66
C LEU A 305 -7.72 -6.32 17.36
N ARG A 306 -6.46 -6.14 16.97
CA ARG A 306 -5.32 -6.76 17.69
C ARG A 306 -5.51 -6.49 19.18
N GLY A 307 -5.99 -5.28 19.47
CA GLY A 307 -6.25 -4.82 20.84
C GLY A 307 -7.00 -5.87 21.65
N LEU A 308 -8.18 -6.25 21.12
CA LEU A 308 -9.13 -7.16 21.73
C LEU A 308 -8.58 -8.60 21.77
N GLN A 309 -8.10 -9.11 20.63
CA GLN A 309 -7.55 -10.45 20.56
C GLN A 309 -6.57 -10.65 21.72
N ILE A 310 -5.63 -9.72 21.92
CA ILE A 310 -4.61 -9.91 22.95
C ILE A 310 -5.29 -9.97 24.32
N TYR A 311 -6.25 -9.07 24.59
CA TYR A 311 -6.91 -8.98 25.89
C TYR A 311 -7.61 -10.30 26.24
N ILE A 312 -8.34 -10.83 25.26
CA ILE A 312 -9.18 -12.00 25.39
C ILE A 312 -8.33 -13.30 25.48
N LYS A 313 -7.06 -13.28 25.03
CA LYS A 313 -6.16 -14.47 25.11
C LYS A 313 -5.91 -14.82 26.58
N CYS A 314 -5.57 -13.77 27.36
CA CYS A 314 -5.62 -13.79 28.83
C CYS A 314 -6.85 -13.00 29.29
N ASP B 37 9.66 -0.08 13.59
CA ASP B 37 9.32 -0.65 12.24
C ASP B 37 9.35 0.44 11.15
N GLU B 38 8.22 0.61 10.44
CA GLU B 38 8.11 1.27 9.13
C GLU B 38 8.19 2.79 9.25
N PHE B 39 8.69 3.41 8.20
CA PHE B 39 8.99 4.81 8.21
C PHE B 39 7.96 5.56 7.38
N TYR B 40 7.62 6.73 7.89
CA TYR B 40 6.90 7.68 7.11
C TYR B 40 7.88 8.06 5.99
N TYR B 41 9.13 8.31 6.38
CA TYR B 41 10.23 8.29 5.48
C TYR B 41 11.47 7.91 6.26
N PRO B 42 12.45 7.26 5.60
CA PRO B 42 13.76 7.00 6.16
C PRO B 42 14.72 8.16 5.97
N SER B 43 15.84 8.14 6.72
CA SER B 43 16.93 9.11 6.53
C SER B 43 17.79 8.71 5.32
N LEU B 44 18.28 9.68 4.54
CA LEU B 44 19.36 9.38 3.53
C LEU B 44 20.50 8.62 4.22
N GLU B 45 20.78 9.01 5.47
CA GLU B 45 21.91 8.50 6.21
C GLU B 45 21.82 6.98 6.28
N SER B 46 20.68 6.47 6.74
CA SER B 46 20.44 5.01 6.78
C SER B 46 20.63 4.37 5.38
N VAL B 47 20.15 5.01 4.32
CA VAL B 47 20.11 4.38 2.98
C VAL B 47 21.55 4.33 2.45
N VAL B 48 22.24 5.43 2.65
CA VAL B 48 23.66 5.50 2.43
C VAL B 48 24.39 4.35 3.15
N HIS B 49 23.99 4.00 4.37
CA HIS B 49 24.54 2.83 5.07
C HIS B 49 24.18 1.55 4.31
N THR B 50 22.89 1.29 4.07
CA THR B 50 22.52 0.08 3.32
C THR B 50 23.36 -0.02 2.03
N PHE B 51 23.80 1.13 1.47
CA PHE B 51 24.40 1.12 0.12
C PHE B 51 25.81 0.55 0.21
N CYS B 52 26.58 1.16 1.11
CA CYS B 52 27.91 0.76 1.50
C CYS B 52 27.93 -0.71 1.93
N VAL B 53 26.86 -1.18 2.60
CA VAL B 53 26.73 -2.60 2.93
C VAL B 53 26.71 -3.37 1.61
N ILE B 54 25.73 -3.06 0.77
CA ILE B 54 25.54 -3.66 -0.56
C ILE B 54 26.87 -3.64 -1.34
N ASP B 55 27.54 -2.48 -1.34
CA ASP B 55 28.68 -2.20 -2.18
C ASP B 55 29.81 -3.19 -1.82
N THR B 56 29.99 -3.45 -0.52
CA THR B 56 31.05 -4.36 -0.09
C THR B 56 30.55 -5.82 -0.28
N ARG B 57 29.30 -6.14 0.04
CA ARG B 57 28.74 -7.49 -0.21
C ARG B 57 28.75 -7.91 -1.70
N GLU B 58 28.43 -7.00 -2.64
CA GLU B 58 28.07 -7.46 -4.00
C GLU B 58 29.33 -7.61 -4.85
N HIS B 59 29.33 -8.66 -5.67
CA HIS B 59 30.49 -9.02 -6.46
C HIS B 59 30.67 -7.96 -7.57
N ASN B 60 29.58 -7.76 -8.33
CA ASN B 60 29.56 -6.91 -9.50
C ASN B 60 29.11 -5.51 -9.13
N ARG B 61 29.66 -4.54 -9.87
CA ARG B 61 29.18 -3.19 -9.86
C ARG B 61 27.74 -3.16 -10.40
N VAL B 62 27.37 -4.04 -11.35
CA VAL B 62 25.99 -4.05 -11.91
C VAL B 62 25.02 -4.55 -10.84
N SER B 63 25.31 -5.75 -10.32
CA SER B 63 24.61 -6.36 -9.21
C SER B 63 24.33 -5.37 -8.08
N ALA B 64 25.35 -4.61 -7.69
CA ALA B 64 25.19 -3.69 -6.59
C ALA B 64 24.19 -2.60 -6.99
N CYS B 65 24.33 -2.08 -8.21
CA CYS B 65 23.48 -0.96 -8.66
C CYS B 65 22.01 -1.41 -8.61
N LEU B 66 21.77 -2.67 -8.98
CA LEU B 66 20.45 -3.14 -9.09
C LEU B 66 19.82 -3.30 -7.71
N CYS B 67 20.54 -3.90 -6.76
CA CYS B 67 20.05 -3.95 -5.37
C CYS B 67 19.68 -2.51 -4.98
N LYS B 68 20.57 -1.56 -5.26
CA LYS B 68 20.44 -0.22 -4.75
C LYS B 68 19.14 0.35 -5.29
N LEU B 69 18.85 0.02 -6.55
CA LEU B 69 17.73 0.45 -7.27
C LEU B 69 16.46 -0.18 -6.72
N GLN B 70 16.55 -1.44 -6.32
CA GLN B 70 15.39 -2.16 -5.77
C GLN B 70 15.00 -1.54 -4.45
N VAL B 71 16.02 -1.23 -3.63
CA VAL B 71 15.79 -0.53 -2.40
C VAL B 71 15.15 0.83 -2.70
N LEU B 72 15.66 1.54 -3.73
CA LEU B 72 15.11 2.86 -3.95
C LEU B 72 13.71 2.79 -4.53
N CYS B 73 13.44 1.74 -5.34
CA CYS B 73 12.07 1.60 -5.88
C CYS B 73 11.00 1.39 -4.78
N LYS B 74 11.26 0.48 -3.84
CA LYS B 74 10.35 0.27 -2.72
C LYS B 74 10.17 1.60 -2.01
N ILE B 75 11.29 2.21 -1.65
CA ILE B 75 11.23 3.37 -0.79
C ILE B 75 10.40 4.44 -1.47
N CYS B 76 10.69 4.74 -2.72
CA CYS B 76 9.90 5.80 -3.43
C CYS B 76 8.39 5.49 -3.51
N GLN B 77 8.09 4.23 -3.78
CA GLN B 77 6.78 3.74 -3.86
C GLN B 77 6.08 3.92 -2.52
N THR B 78 6.72 3.45 -1.46
CA THR B 78 6.10 3.68 -0.14
C THR B 78 5.92 5.18 0.07
N LEU B 79 6.91 6.00 -0.26
CA LEU B 79 6.81 7.44 0.05
C LEU B 79 5.70 8.15 -0.75
N ARG B 80 5.39 7.66 -1.95
CA ARG B 80 4.23 8.18 -2.69
C ARG B 80 2.89 7.75 -2.07
N HIS B 81 2.79 6.49 -1.66
CA HIS B 81 1.62 6.01 -0.88
C HIS B 81 1.41 6.97 0.29
N ASN B 82 2.49 7.28 1.01
CA ASN B 82 2.40 8.09 2.19
C ASN B 82 1.98 9.54 1.84
N LEU B 83 2.48 10.10 0.75
CA LEU B 83 2.19 11.51 0.43
C LEU B 83 0.76 11.68 -0.11
N ASP B 84 0.18 10.63 -0.72
CA ASP B 84 -1.17 10.71 -1.16
C ASP B 84 -2.08 10.78 0.08
N THR B 85 -1.70 10.10 1.18
CA THR B 85 -2.45 10.09 2.37
C THR B 85 -2.29 11.34 3.25
N GLU B 86 -1.09 11.92 3.27
CA GLU B 86 -0.81 13.01 4.16
C GLU B 86 -1.97 14.03 4.27
N PRO B 87 -2.76 14.38 3.24
CA PRO B 87 -3.81 15.40 3.41
C PRO B 87 -4.93 15.13 4.44
N PHE B 88 -5.10 13.83 4.74
CA PHE B 88 -5.95 13.13 5.67
C PHE B 88 -5.30 12.88 7.04
N LEU B 89 -3.97 13.05 7.18
CA LEU B 89 -3.25 12.57 8.40
C LEU B 89 -3.54 13.41 9.66
N LEU B 90 -3.57 14.75 9.55
CA LEU B 90 -3.72 15.61 10.73
C LEU B 90 -5.18 15.57 11.14
N PRO B 91 -6.14 15.73 10.20
CA PRO B 91 -7.56 15.55 10.52
C PRO B 91 -7.81 14.20 11.22
N HIS B 92 -7.20 13.13 10.71
CA HIS B 92 -7.35 11.83 11.36
C HIS B 92 -6.84 11.84 12.81
N LEU B 93 -5.59 12.28 12.96
CA LEU B 93 -4.95 12.34 14.27
C LEU B 93 -5.75 13.25 15.19
N ARG B 94 -6.33 14.30 14.67
CA ARG B 94 -7.13 15.11 15.62
C ARG B 94 -8.31 14.30 16.12
N GLU B 95 -9.05 13.77 15.14
CA GLU B 95 -10.21 12.94 15.40
C GLU B 95 -9.82 11.81 16.35
N LEU B 96 -8.58 11.34 16.31
CA LEU B 96 -8.25 10.24 17.28
C LEU B 96 -8.19 10.77 18.72
N ILE B 97 -7.76 12.02 18.88
CA ILE B 97 -7.42 12.57 20.17
C ILE B 97 -8.75 12.93 20.83
N ILE B 98 -9.59 13.64 20.07
CA ILE B 98 -10.93 13.88 20.45
C ILE B 98 -11.60 12.62 21.00
N ARG B 99 -11.27 11.45 20.44
CA ARG B 99 -11.92 10.21 20.84
C ARG B 99 -11.40 9.84 22.21
N HIS B 100 -10.08 9.87 22.36
CA HIS B 100 -9.45 9.63 23.66
C HIS B 100 -9.95 10.57 24.75
N LEU B 101 -10.29 11.81 24.39
CA LEU B 101 -10.79 12.78 25.38
C LEU B 101 -12.18 12.35 25.87
N THR B 102 -13.09 11.99 24.94
CA THR B 102 -14.44 11.56 25.31
C THR B 102 -14.33 10.33 26.23
N LEU B 103 -13.48 9.37 25.85
CA LEU B 103 -13.20 8.26 26.71
C LEU B 103 -12.78 8.72 28.11
N LEU B 104 -11.94 9.76 28.22
CA LEU B 104 -11.43 10.15 29.53
C LEU B 104 -12.59 10.69 30.38
N GLU B 105 -13.62 11.26 29.72
CA GLU B 105 -14.84 11.74 30.39
C GLU B 105 -15.57 10.64 31.19
N ARG B 106 -15.31 9.36 30.90
CA ARG B 106 -15.90 8.27 31.68
C ARG B 106 -15.25 8.26 33.07
N LEU B 107 -14.10 8.94 33.18
CA LEU B 107 -13.27 8.87 34.35
C LEU B 107 -13.19 10.23 35.06
N SER B 108 -13.97 11.22 34.58
CA SER B 108 -13.91 12.62 35.08
C SER B 108 -14.58 12.70 36.47
N THR B 109 -13.81 12.24 37.46
CA THR B 109 -14.03 12.48 38.86
C THR B 109 -14.52 13.92 39.06
N THR B 110 -13.64 14.89 38.79
CA THR B 110 -13.88 16.29 39.11
C THR B 110 -14.48 17.00 37.91
N SER B 111 -15.18 18.10 38.18
CA SER B 111 -15.69 19.02 37.18
C SER B 111 -14.59 19.92 36.57
N LYS B 112 -13.45 20.11 37.26
CA LYS B 112 -12.40 20.89 36.61
C LYS B 112 -11.88 20.02 35.45
N PHE B 113 -11.42 18.81 35.77
CA PHE B 113 -11.04 17.77 34.77
C PHE B 113 -12.04 17.76 33.60
N GLN B 114 -13.33 17.87 33.91
CA GLN B 114 -14.29 17.86 32.83
C GLN B 114 -14.08 19.10 31.97
N ARG B 115 -13.92 20.28 32.59
CA ARG B 115 -13.96 21.60 31.84
C ARG B 115 -12.82 21.73 30.82
N ILE B 116 -11.71 21.04 31.11
CA ILE B 116 -10.50 21.06 30.36
C ILE B 116 -10.69 20.14 29.14
N LEU B 117 -11.10 18.90 29.42
CA LEU B 117 -11.61 17.92 28.43
C LEU B 117 -12.51 18.64 27.43
N ASP B 118 -13.49 19.35 27.93
CA ASP B 118 -14.34 20.05 26.98
C ASP B 118 -13.50 21.04 26.17
N TYR B 119 -12.55 21.73 26.83
CA TYR B 119 -11.80 22.82 26.19
C TYR B 119 -10.86 22.23 25.10
N MET B 120 -10.15 21.18 25.44
CA MET B 120 -9.28 20.48 24.50
C MET B 120 -10.14 20.06 23.29
N LYS B 121 -11.29 19.44 23.57
CA LYS B 121 -12.15 18.91 22.49
C LYS B 121 -12.62 20.05 21.58
N LEU B 122 -13.07 21.16 22.15
CA LEU B 122 -13.51 22.29 21.29
C LEU B 122 -12.33 22.81 20.46
N SER B 123 -11.12 22.66 20.99
CA SER B 123 -9.95 23.20 20.35
C SER B 123 -9.61 22.35 19.12
N LEU B 124 -9.61 21.02 19.27
CA LEU B 124 -9.38 20.11 18.13
C LEU B 124 -10.45 20.31 17.06
N GLU B 125 -11.67 20.64 17.51
CA GLU B 125 -12.75 20.88 16.51
C GLU B 125 -12.47 22.17 15.74
N ALA B 126 -11.96 23.20 16.42
CA ALA B 126 -11.80 24.48 15.74
C ALA B 126 -10.52 24.47 14.90
N ASN B 127 -9.59 23.57 15.26
CA ASN B 127 -8.28 23.49 14.61
C ASN B 127 -7.67 24.89 14.38
N ASP B 128 -7.52 25.63 15.48
CA ASP B 128 -7.07 27.04 15.50
C ASP B 128 -5.54 27.08 15.44
N SER B 129 -5.01 28.29 15.29
CA SER B 129 -3.57 28.52 15.27
C SER B 129 -2.94 28.10 16.60
N ASN B 130 -3.67 28.30 17.71
CA ASN B 130 -3.18 27.99 19.06
C ASN B 130 -3.27 26.49 19.44
N LEU B 131 -3.66 25.63 18.49
CA LEU B 131 -4.12 24.30 18.92
C LEU B 131 -3.08 23.54 19.77
N LEU B 132 -1.85 23.54 19.34
CA LEU B 132 -0.83 22.70 19.86
C LEU B 132 -0.51 23.12 21.28
N GLN B 133 -0.78 24.40 21.55
CA GLN B 133 -0.52 24.96 22.85
C GLN B 133 -1.69 24.65 23.74
N ASP B 134 -2.88 24.66 23.14
CA ASP B 134 -4.06 24.25 23.75
C ASP B 134 -3.88 22.79 24.20
N LEU B 135 -3.32 21.97 23.33
CA LEU B 135 -3.17 20.60 23.68
C LEU B 135 -2.21 20.45 24.85
N ALA B 136 -1.10 21.16 24.81
CA ALA B 136 -0.01 20.97 25.77
C ALA B 136 -0.40 21.45 27.19
N ILE B 137 -1.01 22.64 27.25
CA ILE B 137 -1.32 23.20 28.55
C ILE B 137 -2.45 22.34 29.13
N GLY B 138 -3.45 22.00 28.30
CA GLY B 138 -4.50 21.03 28.63
C GLY B 138 -3.93 19.79 29.31
N THR B 139 -3.00 19.18 28.66
CA THR B 139 -2.55 17.90 29.10
C THR B 139 -1.91 18.05 30.48
N VAL B 140 -0.90 18.91 30.57
CA VAL B 140 -0.22 19.23 31.79
C VAL B 140 -1.25 19.51 32.90
N ASN B 141 -2.33 20.22 32.55
CA ASN B 141 -3.33 20.52 33.57
C ASN B 141 -4.22 19.36 33.98
N LEU B 142 -4.53 18.40 33.08
CA LEU B 142 -5.34 17.28 33.51
C LEU B 142 -4.45 16.51 34.49
N LEU B 143 -3.18 16.39 34.14
CA LEU B 143 -2.20 15.72 34.98
C LEU B 143 -2.13 16.36 36.38
N GLY B 144 -2.27 17.69 36.44
CA GLY B 144 -2.09 18.43 37.67
C GLY B 144 -3.17 18.13 38.69
N CYS B 145 -4.39 17.90 38.17
CA CYS B 145 -5.48 17.35 38.94
C CYS B 145 -5.04 16.05 39.65
N GLN B 146 -4.42 15.11 38.92
CA GLN B 146 -4.03 13.81 39.54
C GLN B 146 -2.98 14.07 40.63
N SER B 147 -1.91 14.78 40.29
CA SER B 147 -0.91 15.17 41.28
C SER B 147 -0.37 16.56 41.01
N PRO B 148 -0.61 17.54 41.91
CA PRO B 148 -0.12 18.92 41.75
C PRO B 148 1.38 19.19 41.68
N GLU B 149 2.21 18.28 42.21
CA GLU B 149 3.68 18.49 42.13
C GLU B 149 4.08 18.77 40.69
N ILE B 150 3.33 18.15 39.75
CA ILE B 150 3.67 18.12 38.30
C ILE B 150 3.73 19.54 37.71
N LEU B 151 2.97 20.48 38.28
CA LEU B 151 2.73 21.77 37.68
C LEU B 151 3.95 22.70 37.81
N SER B 152 4.85 22.41 38.76
CA SER B 152 6.08 23.18 38.92
C SER B 152 7.16 22.77 37.90
N ILE B 153 6.85 21.85 36.96
CA ILE B 153 7.87 21.33 36.04
C ILE B 153 8.00 22.27 34.85
N PRO B 154 9.18 22.93 34.68
CA PRO B 154 9.41 23.85 33.57
C PRO B 154 9.49 23.14 32.21
N TYR B 155 8.89 23.76 31.18
CA TYR B 155 8.88 23.29 29.78
C TYR B 155 8.54 24.51 28.92
N ASP B 156 8.83 24.44 27.60
CA ASP B 156 8.37 25.45 26.62
C ASP B 156 8.02 24.76 25.28
N LYS B 157 7.52 25.54 24.31
CA LYS B 157 7.12 25.07 22.96
C LYS B 157 8.33 24.62 22.12
N ASP B 158 9.50 25.21 22.41
CA ASP B 158 10.71 25.03 21.62
C ASP B 158 11.49 23.83 22.19
N GLN B 159 11.19 23.43 23.43
CA GLN B 159 11.66 22.17 23.98
C GLN B 159 11.29 21.01 23.04
N PRO B 160 12.26 20.13 22.71
CA PRO B 160 11.96 18.94 21.90
C PRO B 160 10.85 18.06 22.50
N VAL B 161 10.06 17.49 21.60
CA VAL B 161 8.82 16.87 21.93
C VAL B 161 9.06 15.65 22.81
N HIS B 162 10.07 14.86 22.50
CA HIS B 162 10.38 13.67 23.27
C HIS B 162 10.73 14.05 24.73
N GLU B 163 11.50 15.13 24.93
CA GLU B 163 11.82 15.59 26.28
C GLU B 163 10.52 15.78 27.06
N TRP B 164 9.55 16.51 26.46
CA TRP B 164 8.25 16.79 27.06
C TRP B 164 7.45 15.50 27.34
N CYS B 165 7.51 14.53 26.44
CA CYS B 165 6.81 13.25 26.66
C CYS B 165 7.40 12.53 27.89
N ALA B 166 8.72 12.62 28.06
CA ALA B 166 9.42 11.92 29.13
C ALA B 166 9.01 12.51 30.48
N CYS B 167 9.10 13.83 30.65
CA CYS B 167 8.66 14.49 31.88
C CYS B 167 7.31 13.93 32.33
N PHE B 168 6.35 13.97 31.43
CA PHE B 168 4.98 13.98 31.80
C PHE B 168 4.40 12.56 31.74
N LEU B 169 5.19 11.57 31.32
CA LEU B 169 4.77 10.16 31.48
C LEU B 169 4.97 9.73 32.93
N THR B 170 3.94 9.13 33.55
CA THR B 170 4.05 8.70 34.96
C THR B 170 4.17 7.17 35.07
N SER B 171 5.29 6.73 35.68
CA SER B 171 5.58 5.34 36.07
C SER B 171 5.40 4.40 34.87
N VAL B 172 6.47 4.27 34.06
CA VAL B 172 6.39 3.47 32.85
C VAL B 172 7.64 2.59 32.64
N ASP B 173 8.58 2.58 33.60
CA ASP B 173 9.85 1.80 33.53
C ASP B 173 10.84 2.46 32.57
N GLU B 174 12.14 2.24 32.81
CA GLU B 174 13.22 2.68 31.93
C GLU B 174 13.11 1.96 30.59
N GLU B 175 12.35 0.84 30.55
CA GLU B 175 12.10 0.03 29.35
C GLU B 175 11.27 0.82 28.32
N ALA B 176 10.13 1.36 28.77
CA ALA B 176 9.21 2.11 27.92
C ALA B 176 9.90 3.37 27.38
N LEU B 177 10.49 4.14 28.29
CA LEU B 177 11.19 5.41 28.00
C LEU B 177 12.10 5.28 26.77
N ARG B 178 12.89 4.19 26.70
CA ARG B 178 13.93 4.01 25.68
C ARG B 178 13.31 4.05 24.27
N LYS B 179 12.29 3.21 24.06
CA LYS B 179 11.67 2.99 22.72
C LYS B 179 10.91 4.25 22.32
N ILE B 180 10.01 4.70 23.20
CA ILE B 180 9.27 5.96 23.05
C ILE B 180 10.21 6.99 22.40
N SER B 181 11.26 7.39 23.12
CA SER B 181 12.13 8.47 22.70
C SER B 181 12.86 8.12 21.38
N SER B 182 13.08 6.83 21.09
CA SER B 182 13.62 6.43 19.76
C SER B 182 12.63 6.73 18.64
N MET B 183 11.32 6.53 18.92
CA MET B 183 10.19 6.93 18.05
C MET B 183 10.23 8.45 17.95
N LEU B 184 10.02 9.06 19.14
CA LEU B 184 9.72 10.49 19.29
C LEU B 184 10.96 11.33 18.98
N ASP B 185 12.14 10.92 19.44
CA ASP B 185 13.37 11.64 19.06
C ASP B 185 13.80 11.08 17.71
N ASN B 186 13.59 11.90 16.67
CA ASN B 186 13.79 11.47 15.32
C ASN B 186 14.91 12.29 14.73
N LYS B 187 15.79 12.75 15.65
CA LYS B 187 17.00 13.41 15.33
C LYS B 187 16.71 14.53 14.33
N HIS B 188 15.93 15.52 14.78
CA HIS B 188 15.56 16.71 14.02
C HIS B 188 15.00 16.30 12.64
N PHE B 189 14.01 15.39 12.66
CA PHE B 189 13.26 14.98 11.49
C PHE B 189 14.16 14.36 10.44
N SER B 190 15.17 13.60 10.86
CA SER B 190 16.02 12.88 9.89
C SER B 190 15.16 11.84 9.18
N TYR B 191 14.31 11.17 10.01
CA TYR B 191 13.33 10.13 9.66
C TYR B 191 12.03 10.46 10.39
N MET B 192 10.95 9.78 10.00
CA MET B 192 9.70 9.80 10.69
C MET B 192 9.16 8.38 10.68
N TYR B 193 8.57 7.96 11.80
CA TYR B 193 7.83 6.72 11.81
C TYR B 193 6.45 6.99 11.23
N ASN B 194 5.83 5.97 10.67
CA ASN B 194 4.45 6.09 10.17
C ASN B 194 3.44 5.80 11.30
N PHE B 195 2.19 6.11 11.04
CA PHE B 195 1.11 5.98 12.00
C PHE B 195 0.89 4.56 12.52
N LYS B 196 0.84 3.57 11.64
CA LYS B 196 0.74 2.18 12.00
C LYS B 196 1.75 1.91 13.12
N THR B 197 3.00 2.36 12.94
CA THR B 197 3.99 2.14 14.00
C THR B 197 3.64 2.87 15.30
N PHE B 198 3.12 4.10 15.24
CA PHE B 198 2.92 4.83 16.49
C PHE B 198 1.77 4.16 17.25
N LEU B 199 0.80 3.63 16.49
CA LEU B 199 -0.32 2.83 16.99
C LEU B 199 0.20 1.60 17.70
N LYS B 200 1.04 0.87 16.99
CA LYS B 200 1.62 -0.31 17.54
C LYS B 200 2.17 -0.02 18.95
N TYR B 201 3.02 1.01 19.14
CA TYR B 201 3.66 1.23 20.48
C TYR B 201 2.67 1.91 21.44
N SER B 202 1.52 2.34 20.93
CA SER B 202 0.44 2.82 21.79
C SER B 202 -0.12 1.64 22.59
N LEU B 203 -0.22 0.52 21.88
CA LEU B 203 -0.84 -0.64 22.39
C LEU B 203 -0.06 -1.07 23.64
N GLU B 204 1.28 -0.97 23.59
CA GLU B 204 2.23 -1.42 24.62
C GLU B 204 2.46 -0.24 25.59
N LEU B 205 1.40 0.07 26.31
CA LEU B 205 1.26 1.29 27.11
C LEU B 205 -0.12 1.26 27.76
N GLU B 206 -1.09 0.64 27.05
CA GLU B 206 -2.37 0.17 27.58
C GLU B 206 -2.15 -1.22 28.21
N THR B 207 -1.50 -1.21 29.38
CA THR B 207 -0.92 -2.41 30.00
C THR B 207 -1.73 -2.76 31.27
N ALA B 208 -1.68 -1.88 32.29
CA ALA B 208 -2.24 -2.14 33.62
C ALA B 208 -3.77 -2.21 33.54
N PHE B 211 -6.44 -0.24 32.71
CA PHE B 211 -7.08 0.94 32.15
C PHE B 211 -7.51 1.88 33.28
N ASP B 212 -6.60 2.73 33.75
CA ASP B 212 -6.89 3.72 34.80
C ASP B 212 -6.76 5.13 34.23
N LEU B 213 -7.10 6.13 35.05
CA LEU B 213 -6.80 7.54 34.79
C LEU B 213 -5.33 7.68 34.42
N SER B 214 -4.46 7.04 35.20
CA SER B 214 -3.04 7.26 35.07
C SER B 214 -2.55 6.94 33.66
N THR B 215 -2.90 5.75 33.16
CA THR B 215 -2.40 5.25 31.88
C THR B 215 -3.17 5.94 30.73
N GLY B 216 -4.48 6.13 30.89
CA GLY B 216 -5.24 7.02 30.00
C GLY B 216 -4.64 8.43 29.88
N LEU B 217 -3.72 8.81 30.78
CA LEU B 217 -3.06 10.11 30.64
C LEU B 217 -1.70 9.93 29.95
N ASN B 218 -0.96 8.88 30.31
CA ASN B 218 0.21 8.50 29.56
C ASN B 218 -0.10 8.45 28.05
N VAL B 219 -1.26 7.89 27.69
CA VAL B 219 -1.66 7.71 26.32
C VAL B 219 -2.01 9.08 25.71
N LEU B 220 -2.70 9.92 26.48
CA LEU B 220 -3.02 11.27 25.98
C LEU B 220 -1.74 11.99 25.63
N VAL B 221 -0.75 11.79 26.50
CA VAL B 221 0.46 12.50 26.41
C VAL B 221 1.11 12.09 25.09
N TYR B 222 1.17 10.78 24.91
CA TYR B 222 1.91 10.16 23.81
C TYR B 222 1.27 10.66 22.50
N TRP B 223 -0.06 10.64 22.43
CA TRP B 223 -0.71 11.08 21.23
C TRP B 223 -0.62 12.59 21.02
N VAL B 224 -0.46 13.36 22.10
CA VAL B 224 -0.28 14.77 21.89
C VAL B 224 1.11 14.94 21.27
N SER B 225 2.10 14.26 21.82
CA SER B 225 3.44 14.32 21.36
C SER B 225 3.46 13.91 19.88
N VAL B 226 2.88 12.78 19.55
CA VAL B 226 2.85 12.30 18.20
C VAL B 226 2.16 13.36 17.34
N PHE B 227 1.06 13.88 17.78
CA PHE B 227 0.38 14.90 16.95
C PHE B 227 1.30 16.09 16.63
N LYS B 228 2.14 16.48 17.61
CA LYS B 228 2.94 17.70 17.47
C LYS B 228 4.04 17.37 16.45
N LEU B 229 4.57 16.14 16.50
CA LEU B 229 5.59 15.76 15.55
C LEU B 229 4.99 15.81 14.14
N PHE B 230 3.86 15.15 13.91
CA PHE B 230 3.30 15.09 12.56
C PHE B 230 2.93 16.51 12.15
N SER B 231 2.54 17.34 13.12
CA SER B 231 2.16 18.69 12.73
C SER B 231 3.34 19.40 12.09
N VAL B 232 4.49 19.26 12.71
CA VAL B 232 5.64 19.99 12.23
C VAL B 232 6.04 19.38 10.90
N CYS B 233 6.08 18.05 10.89
CA CYS B 233 6.39 17.29 9.73
C CYS B 233 5.58 17.72 8.49
N VAL B 234 4.28 18.01 8.67
CA VAL B 234 3.34 18.31 7.57
C VAL B 234 3.45 19.79 7.27
N GLN B 235 3.49 20.63 8.32
CA GLN B 235 3.75 22.04 8.12
C GLN B 235 4.94 22.15 7.14
N SER B 236 6.04 21.47 7.47
CA SER B 236 7.35 21.73 6.88
C SER B 236 7.57 20.90 5.60
N GLN B 237 6.56 20.12 5.18
CA GLN B 237 6.61 19.31 3.98
C GLN B 237 7.83 18.39 3.91
N PHE B 238 8.26 17.85 5.05
CA PHE B 238 9.46 16.93 5.06
C PHE B 238 9.18 15.66 4.22
N LEU B 239 7.95 15.16 4.16
CA LEU B 239 7.76 13.92 3.34
C LEU B 239 8.00 14.23 1.85
N LEU B 240 7.40 15.31 1.36
CA LEU B 240 7.69 15.76 -0.10
C LEU B 240 9.19 15.94 -0.37
N ASP B 241 9.89 16.64 0.51
CA ASP B 241 11.33 16.77 0.39
C ASP B 241 11.97 15.41 0.20
N SER B 242 11.57 14.49 1.05
CA SER B 242 12.34 13.32 1.12
C SER B 242 12.05 12.51 -0.14
N LEU B 243 10.82 12.62 -0.65
CA LEU B 243 10.31 11.96 -1.87
C LEU B 243 11.07 12.50 -3.07
N VAL B 244 11.27 13.82 -3.10
CA VAL B 244 12.07 14.43 -4.19
C VAL B 244 13.51 13.91 -4.18
N ALA B 245 14.19 14.00 -3.04
CA ALA B 245 15.58 13.49 -2.94
C ALA B 245 15.60 12.05 -3.40
N PHE B 246 14.71 11.25 -2.84
CA PHE B 246 14.85 9.81 -3.11
C PHE B 246 14.50 9.48 -4.57
N ASN B 247 13.60 10.29 -5.16
CA ASN B 247 13.24 10.17 -6.59
C ASN B 247 14.48 10.51 -7.45
N ALA B 248 15.13 11.63 -7.20
CA ALA B 248 16.48 11.99 -7.83
C ALA B 248 17.47 10.83 -7.70
N LEU B 249 17.58 10.38 -6.47
CA LEU B 249 18.57 9.44 -6.15
C LEU B 249 18.26 8.19 -6.94
N PHE B 250 16.97 7.85 -7.17
CA PHE B 250 16.59 6.64 -7.94
C PHE B 250 16.82 6.89 -9.44
N LYS B 251 16.27 8.00 -9.93
CA LYS B 251 16.47 8.28 -11.39
C LYS B 251 17.96 8.30 -11.82
N ASN B 252 18.81 8.96 -11.01
CA ASN B 252 20.23 9.10 -11.31
C ASN B 252 20.96 7.75 -11.17
N HIS B 253 20.51 6.86 -10.30
CA HIS B 253 21.22 5.58 -10.22
C HIS B 253 20.77 4.73 -11.37
N VAL B 254 19.54 4.94 -11.92
CA VAL B 254 19.25 4.26 -13.19
C VAL B 254 20.26 4.73 -14.26
N LYS B 255 20.58 6.04 -14.31
CA LYS B 255 21.55 6.47 -15.37
C LYS B 255 22.94 5.87 -15.15
N GLU B 256 23.37 5.76 -13.89
CA GLU B 256 24.57 5.15 -13.53
C GLU B 256 24.55 3.71 -14.04
N LEU B 257 23.49 2.93 -13.72
CA LEU B 257 23.44 1.55 -14.14
C LEU B 257 23.59 1.46 -15.66
N GLU B 258 22.93 2.34 -16.43
CA GLU B 258 23.01 2.27 -17.89
C GLU B 258 24.48 2.46 -18.34
N ALA B 259 25.21 3.34 -17.66
CA ALA B 259 26.57 3.62 -18.10
C ALA B 259 27.43 2.37 -17.83
N ILE B 260 27.50 2.05 -16.54
CA ILE B 260 28.12 0.87 -16.02
C ILE B 260 27.92 -0.33 -16.94
N VAL B 261 26.69 -0.56 -17.39
CA VAL B 261 26.39 -1.79 -18.08
C VAL B 261 27.12 -1.75 -19.42
N GLU B 262 27.14 -0.55 -20.02
CA GLU B 262 27.63 -0.29 -21.35
C GLU B 262 29.15 -0.33 -21.38
N SER B 263 29.80 0.06 -20.29
CA SER B 263 31.25 0.01 -20.17
C SER B 263 31.71 -1.38 -19.69
N ASP B 264 31.02 -2.45 -20.11
CA ASP B 264 31.43 -3.85 -19.87
C ASP B 264 31.13 -4.70 -21.12
N SER B 271 20.16 -6.41 -30.17
CA SER B 271 18.71 -6.35 -30.40
C SER B 271 18.02 -7.48 -29.63
N THR B 272 18.55 -8.71 -29.78
CA THR B 272 18.04 -9.91 -29.07
C THR B 272 18.81 -10.11 -27.75
N SER B 273 19.61 -9.12 -27.32
CA SER B 273 20.19 -9.06 -25.96
C SER B 273 19.11 -8.56 -24.99
N VAL B 274 18.62 -9.45 -24.13
CA VAL B 274 17.48 -9.14 -23.24
C VAL B 274 17.89 -8.11 -22.17
N VAL B 275 19.20 -7.96 -21.90
CA VAL B 275 19.71 -6.87 -21.04
C VAL B 275 19.36 -5.53 -21.69
N TRP B 276 19.87 -5.31 -22.90
CA TRP B 276 19.68 -4.06 -23.64
C TRP B 276 18.20 -3.68 -23.74
N ALA B 277 17.34 -4.70 -23.76
CA ALA B 277 15.89 -4.61 -23.89
C ALA B 277 15.19 -4.19 -22.58
N LYS B 278 15.52 -4.90 -21.51
CA LYS B 278 15.10 -4.57 -20.21
C LYS B 278 15.65 -3.18 -19.86
N LEU B 279 16.88 -2.88 -20.31
CA LEU B 279 17.43 -1.63 -19.98
C LEU B 279 16.64 -0.53 -20.67
N SER B 280 16.20 -0.77 -21.90
CA SER B 280 15.53 0.24 -22.66
C SER B 280 14.14 0.47 -22.03
N ASN B 281 13.55 -0.64 -21.65
CA ASN B 281 12.27 -0.68 -20.96
C ASN B 281 12.37 0.11 -19.64
N LEU B 282 13.40 -0.21 -18.85
CA LEU B 282 13.66 0.43 -17.57
C LEU B 282 13.72 1.93 -17.76
N ASN B 283 14.36 2.34 -18.86
CA ASN B 283 14.58 3.77 -19.12
C ASN B 283 13.26 4.46 -19.39
N HIS B 284 12.41 3.85 -20.25
CA HIS B 284 11.03 4.34 -20.59
C HIS B 284 10.17 4.50 -19.33
N LEU B 285 10.28 3.52 -18.43
CA LEU B 285 9.55 3.58 -17.21
C LEU B 285 9.95 4.78 -16.35
N LEU B 286 11.29 4.97 -16.20
CA LEU B 286 11.82 6.03 -15.34
C LEU B 286 11.39 7.38 -15.87
N HIS B 287 11.37 7.49 -17.18
CA HIS B 287 10.96 8.68 -17.83
C HIS B 287 9.46 8.91 -17.58
N ARG B 288 8.65 7.83 -17.56
CA ARG B 288 7.20 8.03 -17.32
C ARG B 288 6.98 8.40 -15.85
N LEU B 289 7.75 7.76 -14.95
CA LEU B 289 7.65 8.00 -13.56
C LEU B 289 7.77 9.49 -13.19
N GLN B 290 8.40 10.30 -14.02
CA GLN B 290 8.62 11.66 -13.62
C GLN B 290 7.33 12.48 -13.85
N THR B 291 6.40 11.99 -14.67
CA THR B 291 5.18 12.77 -14.95
C THR B 291 3.97 12.08 -14.33
N SER B 292 4.01 10.75 -14.18
CA SER B 292 3.03 10.00 -13.39
C SER B 292 3.74 9.09 -12.38
N ASN B 293 3.87 9.69 -11.19
CA ASN B 293 4.58 9.13 -10.08
C ASN B 293 3.52 8.36 -9.33
N ASN B 294 3.43 7.06 -9.65
CA ASN B 294 2.27 6.32 -9.28
C ASN B 294 2.70 4.86 -9.09
N THR B 295 1.95 4.20 -8.20
CA THR B 295 2.26 2.89 -7.67
C THR B 295 2.25 1.84 -8.77
N LEU B 296 1.45 1.98 -9.83
CA LEU B 296 1.53 0.96 -10.92
C LEU B 296 2.91 0.97 -11.56
N VAL B 297 3.48 2.17 -11.75
CA VAL B 297 4.81 2.29 -12.40
C VAL B 297 5.87 1.64 -11.52
N PHE B 298 5.88 1.98 -10.25
CA PHE B 298 6.86 1.33 -9.34
C PHE B 298 6.74 -0.18 -9.42
N ASP B 299 5.50 -0.69 -9.51
CA ASP B 299 5.32 -2.12 -9.60
C ASP B 299 5.97 -2.67 -10.86
N GLU B 300 5.71 -2.05 -12.00
CA GLU B 300 6.40 -2.48 -13.26
C GLU B 300 7.92 -2.40 -13.17
N ILE B 301 8.44 -1.32 -12.60
CA ILE B 301 9.88 -1.22 -12.45
C ILE B 301 10.45 -2.37 -11.63
N LEU B 302 9.84 -2.70 -10.50
CA LEU B 302 10.30 -3.80 -9.64
C LEU B 302 10.43 -5.08 -10.45
N ILE B 303 9.40 -5.41 -11.23
CA ILE B 303 9.44 -6.67 -11.88
C ILE B 303 10.61 -6.62 -12.85
N CYS B 304 10.80 -5.46 -13.46
CA CYS B 304 11.83 -5.23 -14.44
C CYS B 304 13.25 -5.24 -13.84
N LEU B 305 13.44 -4.68 -12.66
CA LEU B 305 14.74 -4.81 -12.04
C LEU B 305 15.01 -6.30 -11.70
N ARG B 306 14.04 -6.98 -11.09
CA ARG B 306 14.15 -8.45 -10.82
C ARG B 306 14.54 -9.19 -12.12
N GLY B 307 13.80 -8.92 -13.20
CA GLY B 307 14.18 -9.51 -14.51
C GLY B 307 15.67 -9.34 -14.80
N LEU B 308 16.20 -8.15 -14.50
CA LEU B 308 17.53 -7.74 -14.90
C LEU B 308 18.59 -8.47 -14.07
N GLN B 309 18.38 -8.56 -12.76
CA GLN B 309 19.08 -9.43 -11.86
C GLN B 309 19.06 -10.87 -12.38
N ILE B 310 17.88 -11.34 -12.79
CA ILE B 310 17.81 -12.73 -13.07
C ILE B 310 18.74 -12.98 -14.26
N TYR B 311 18.63 -12.17 -15.31
CA TYR B 311 19.46 -12.37 -16.48
C TYR B 311 20.97 -12.24 -16.15
N ILE B 312 21.41 -11.11 -15.58
CA ILE B 312 22.89 -10.82 -15.41
C ILE B 312 23.57 -11.96 -14.64
N LYS B 313 22.89 -12.57 -13.65
CA LYS B 313 23.40 -13.77 -12.95
C LYS B 313 23.42 -14.96 -13.93
N CYS B 314 24.36 -14.90 -14.89
CA CYS B 314 24.63 -15.92 -15.95
C CYS B 314 25.52 -15.31 -17.02
#